data_5Q29
#
_entry.id   5Q29
#
_cell.length_a   51.832
_cell.length_b   56.977
_cell.length_c   114.989
_cell.angle_alpha   90.000
_cell.angle_beta   90.000
_cell.angle_gamma   90.000
#
_symmetry.space_group_name_H-M   'P 21 21 21'
#
loop_
_entity.id
_entity.type
_entity.pdbx_description
1 polymer 'DNA cross-link repair 1A protein'
2 non-polymer 'MALONATE ION'
3 non-polymer 'NICKEL (II) ION'
4 non-polymer [1-(4-chlorophenyl)-1,2,3-triazol-4-yl]methanol
5 water water
#
_entity_poly.entity_id   1
_entity_poly.type   'polypeptide(L)'
_entity_poly.pdbx_seq_one_letter_code
;KKTCPFYKKIPGTGFTVDAFQYGVVEGCTAYFLTHFHSDHYAGLSKHFTFPVYCSEITGNLLKNKLHVQEQYIHPLPLDT
ECIVNGVKVVLLDANHCPGAVMILFYLPNGTVILHTGDFRADPSMERSLLADQKVHMLYLDTTYCSPEYTFPSQQEVIRF
AINTAFEAVTLNPHALVVCGTYSIGKEKVFLAIADVLGSKVGMSQEKYKTLQCLNIPEINSLITTDMCSSLVHLLPMMQI
NFKGLQSHLKKCGGKYNQILAFRPTGWTHSNKFTRIADVIPQTKGNISIYGIPYSEHSSYLEMKRFVQWLKPQKIIPTVN
VGTWKSRSTMEKYFREWKLEAGY
;
_entity_poly.pdbx_strand_id   A
#
loop_
_chem_comp.id
_chem_comp.type
_chem_comp.name
_chem_comp.formula
B1J non-polymer [1-(4-chlorophenyl)-1,2,3-triazol-4-yl]methanol 'C9 H8 Cl N3 O'
MLI non-polymer 'MALONATE ION' 'C3 H2 O4 -2'
NI non-polymer 'NICKEL (II) ION' 'Ni 2'
#
# COMPACT_ATOMS: atom_id res chain seq x y z
N THR A 3 -23.52 -1.46 9.90
CA THR A 3 -23.46 0.00 10.21
C THR A 3 -22.04 0.57 10.09
N CYS A 4 -21.95 1.81 9.66
CA CYS A 4 -20.65 2.44 9.42
C CYS A 4 -19.97 2.78 10.75
N PRO A 5 -18.69 2.38 10.93
CA PRO A 5 -18.01 2.74 12.19
C PRO A 5 -17.68 4.23 12.29
N PHE A 6 -17.66 4.73 13.53
CA PHE A 6 -17.39 6.15 13.78
C PHE A 6 -16.08 6.64 13.14
N TYR A 7 -15.06 5.78 13.12
CA TYR A 7 -13.74 6.16 12.60
C TYR A 7 -13.63 6.27 11.07
N LYS A 8 -14.73 5.99 10.35
CA LYS A 8 -14.83 6.27 8.90
C LYS A 8 -15.68 7.52 8.58
N LYS A 9 -16.14 8.24 9.62
CA LYS A 9 -16.95 9.44 9.47
C LYS A 9 -16.11 10.67 9.82
N ILE A 10 -16.23 11.72 9.01
CA ILE A 10 -15.53 13.00 9.26
C ILE A 10 -16.51 14.01 9.89
N PRO A 11 -16.31 14.34 11.19
CA PRO A 11 -17.29 15.19 11.89
C PRO A 11 -17.40 16.60 11.31
N GLY A 12 -18.60 17.17 11.34
CA GLY A 12 -18.84 18.52 10.83
C GLY A 12 -18.90 18.62 9.33
N THR A 13 -18.96 17.48 8.65
CA THR A 13 -19.07 17.40 7.20
C THR A 13 -20.09 16.34 6.81
N GLY A 14 -20.40 16.28 5.52
CA GLY A 14 -21.17 15.18 4.96
C GLY A 14 -20.29 14.07 4.41
N PHE A 15 -19.08 13.88 4.96
CA PHE A 15 -18.11 12.98 4.30
C PHE A 15 -17.85 11.67 5.04
N THR A 16 -17.66 10.58 4.27
CA THR A 16 -17.08 9.34 4.79
C THR A 16 -15.80 8.99 4.04
N VAL A 17 -14.99 8.13 4.65
CA VAL A 17 -13.72 7.66 4.06
C VAL A 17 -13.70 6.14 4.04
N ASP A 18 -13.51 5.56 2.86
CA ASP A 18 -13.41 4.11 2.67
C ASP A 18 -14.61 3.34 3.26
N ALA A 19 -15.81 3.84 2.95
CA ALA A 19 -17.08 3.39 3.57
C ALA A 19 -18.12 3.03 2.51
N PHE A 20 -17.81 2.01 1.72
CA PHE A 20 -18.65 1.60 0.60
C PHE A 20 -19.41 0.28 0.83
N GLN A 21 -19.20 -0.37 1.98
CA GLN A 21 -19.80 -1.70 2.26
C GLN A 21 -21.00 -1.65 3.23
N TYR A 22 -21.55 -0.45 3.44
CA TYR A 22 -22.58 -0.23 4.46
C TYR A 22 -23.92 0.23 3.88
N GLY A 23 -24.09 0.06 2.57
CA GLY A 23 -25.23 0.67 1.87
C GLY A 23 -25.18 2.20 1.94
N VAL A 24 -26.35 2.82 1.90
CA VAL A 24 -26.45 4.28 1.89
C VAL A 24 -26.23 4.77 3.32
N VAL A 25 -25.12 5.49 3.54
CA VAL A 25 -24.80 6.01 4.86
C VAL A 25 -25.62 7.27 5.08
N GLU A 26 -26.26 7.36 6.24
CA GLU A 26 -27.16 8.47 6.58
C GLU A 26 -26.41 9.80 6.61
N GLY A 27 -26.83 10.72 5.74
CA GLY A 27 -26.28 12.08 5.71
C GLY A 27 -24.96 12.22 4.95
N CYS A 28 -24.51 11.16 4.28
CA CYS A 28 -23.27 11.23 3.52
C CYS A 28 -23.54 11.78 2.13
N THR A 29 -22.96 12.94 1.84
CA THR A 29 -23.10 13.61 0.53
C THR A 29 -21.92 13.37 -0.43
N ALA A 30 -20.79 12.91 0.11
CA ALA A 30 -19.63 12.55 -0.71
C ALA A 30 -18.81 11.43 -0.03
N TYR A 31 -18.46 10.42 -0.82
CA TYR A 31 -17.68 9.27 -0.40
C TYR A 31 -16.25 9.40 -0.94
N PHE A 32 -15.29 9.49 -0.02
CA PHE A 32 -13.86 9.48 -0.40
C PHE A 32 -13.31 8.06 -0.40
N LEU A 33 -12.42 7.76 -1.37
CA LEU A 33 -11.68 6.50 -1.44
C LEU A 33 -10.18 6.77 -1.47
N THR A 34 -9.47 6.35 -0.42
CA THR A 34 -8.04 6.64 -0.29
C THR A 34 -7.16 5.86 -1.28
N HIS A 35 -7.53 4.61 -1.60
CA HIS A 35 -6.75 3.78 -2.52
C HIS A 35 -7.52 2.53 -2.95
N PHE A 36 -7.05 1.92 -4.05
CA PHE A 36 -7.70 0.74 -4.65
C PHE A 36 -7.18 -0.58 -4.05
N HIS A 37 -7.49 -0.80 -2.77
CA HIS A 37 -7.33 -2.12 -2.10
C HIS A 37 -8.73 -2.59 -1.64
N SER A 38 -8.98 -3.90 -1.79
CA SER A 38 -10.36 -4.42 -1.65
C SER A 38 -11.00 -4.20 -0.27
N ASP A 39 -10.24 -4.26 0.82
CA ASP A 39 -10.82 -3.95 2.17
C ASP A 39 -11.35 -2.51 2.25
N HIS A 40 -10.82 -1.61 1.41
CA HIS A 40 -11.23 -0.21 1.36
C HIS A 40 -12.31 0.10 0.32
N TYR A 41 -12.23 -0.51 -0.87
CA TYR A 41 -13.26 -0.28 -1.93
C TYR A 41 -14.51 -1.18 -1.86
N ALA A 42 -14.46 -2.24 -1.05
CA ALA A 42 -15.53 -3.25 -0.98
C ALA A 42 -16.92 -2.61 -0.98
N GLY A 43 -17.70 -2.90 -2.03
CA GLY A 43 -19.04 -2.33 -2.19
C GLY A 43 -19.28 -1.55 -3.48
N LEU A 44 -18.24 -0.91 -4.03
CA LEU A 44 -18.35 -0.17 -5.30
C LEU A 44 -18.57 -1.09 -6.52
N SER A 45 -19.37 -0.59 -7.48
CA SER A 45 -19.71 -1.30 -8.73
C SER A 45 -20.27 -0.32 -9.76
N LYS A 46 -20.62 -0.83 -10.95
CA LYS A 46 -21.27 -0.02 -11.99
C LYS A 46 -22.61 0.61 -11.57
N HIS A 47 -23.20 0.11 -10.49
CA HIS A 47 -24.50 0.61 -10.00
C HIS A 47 -24.40 1.65 -8.88
N PHE A 48 -23.17 2.06 -8.54
CA PHE A 48 -22.97 3.12 -7.54
C PHE A 48 -23.29 4.48 -8.17
N THR A 49 -24.18 5.25 -7.55
CA THR A 49 -24.62 6.56 -8.09
C THR A 49 -24.48 7.77 -7.13
N PHE A 50 -23.56 7.68 -6.16
CA PHE A 50 -23.16 8.86 -5.38
C PHE A 50 -21.78 9.34 -5.85
N PRO A 51 -21.44 10.62 -5.58
CA PRO A 51 -20.12 11.12 -5.96
C PRO A 51 -18.99 10.42 -5.18
N VAL A 52 -17.94 10.01 -5.91
CA VAL A 52 -16.74 9.39 -5.30
C VAL A 52 -15.57 10.30 -5.58
N TYR A 53 -14.84 10.66 -4.53
CA TYR A 53 -13.66 11.52 -4.66
C TYR A 53 -12.40 10.70 -4.37
N CYS A 54 -11.39 10.88 -5.23
CA CYS A 54 -10.17 10.04 -5.20
C CYS A 54 -9.07 10.65 -6.07
N SER A 55 -7.91 9.98 -6.11
CA SER A 55 -6.82 10.36 -7.03
C SER A 55 -7.17 10.00 -8.48
N GLU A 56 -6.42 10.56 -9.41
CA GLU A 56 -6.54 10.20 -10.83
C GLU A 56 -6.30 8.68 -11.06
N ILE A 57 -5.25 8.14 -10.45
CA ILE A 57 -4.96 6.70 -10.63
C ILE A 57 -6.09 5.82 -10.08
N THR A 58 -6.56 6.12 -8.87
CA THR A 58 -7.69 5.40 -8.30
C THR A 58 -8.94 5.48 -9.21
N GLY A 59 -9.18 6.64 -9.81
CA GLY A 59 -10.30 6.85 -10.73
C GLY A 59 -10.20 5.99 -11.99
N ASN A 60 -8.97 5.84 -12.52
CA ASN A 60 -8.72 4.97 -13.69
C ASN A 60 -9.11 3.52 -13.37
N LEU A 61 -8.75 3.07 -12.16
CA LEU A 61 -9.05 1.70 -11.70
C LEU A 61 -10.54 1.48 -11.46
N LEU A 62 -11.20 2.47 -10.85
CA LEU A 62 -12.67 2.43 -10.68
C LEU A 62 -13.43 2.29 -12.01
N LYS A 63 -13.04 3.10 -12.99
CA LYS A 63 -13.67 3.10 -14.32
C LYS A 63 -13.43 1.78 -15.06
N ASN A 64 -12.18 1.31 -15.06
CA ASN A 64 -11.82 0.17 -15.92
C ASN A 64 -11.96 -1.20 -15.28
N LYS A 65 -11.67 -1.32 -13.97
CA LYS A 65 -11.75 -2.62 -13.29
C LYS A 65 -13.11 -2.91 -12.66
N LEU A 66 -13.72 -1.90 -12.01
CA LEU A 66 -15.04 -2.04 -11.38
C LEU A 66 -16.23 -1.54 -12.23
N HIS A 67 -15.92 -0.88 -13.34
N HIS A 67 -15.93 -0.86 -13.33
CA HIS A 67 -16.90 -0.30 -14.27
CA HIS A 67 -16.94 -0.37 -14.26
C HIS A 67 -17.85 0.72 -13.64
C HIS A 67 -17.85 0.70 -13.64
N VAL A 68 -17.32 1.52 -12.72
CA VAL A 68 -18.05 2.65 -12.15
C VAL A 68 -18.22 3.69 -13.26
N GLN A 69 -19.41 4.29 -13.36
CA GLN A 69 -19.70 5.23 -14.43
C GLN A 69 -18.94 6.53 -14.24
N GLU A 70 -18.38 7.02 -15.34
CA GLU A 70 -17.51 8.21 -15.36
C GLU A 70 -18.11 9.46 -14.69
N GLN A 71 -19.42 9.67 -14.89
CA GLN A 71 -20.13 10.82 -14.29
C GLN A 71 -20.14 10.89 -12.75
N TYR A 72 -19.90 9.77 -12.07
CA TYR A 72 -19.81 9.74 -10.60
C TYR A 72 -18.37 9.74 -10.03
N ILE A 73 -17.37 9.68 -10.92
CA ILE A 73 -15.96 9.68 -10.49
C ILE A 73 -15.42 11.11 -10.54
N HIS A 74 -14.93 11.58 -9.40
CA HIS A 74 -14.37 12.92 -9.25
C HIS A 74 -12.89 12.84 -8.85
N PRO A 75 -12.00 12.67 -9.84
CA PRO A 75 -10.57 12.65 -9.55
C PRO A 75 -10.08 14.06 -9.15
N LEU A 76 -9.16 14.14 -8.17
CA LEU A 76 -8.52 15.40 -7.80
C LEU A 76 -7.01 15.33 -7.97
N PRO A 77 -6.39 16.44 -8.42
CA PRO A 77 -4.93 16.49 -8.47
C PRO A 77 -4.32 16.50 -7.06
N LEU A 78 -3.11 15.99 -6.93
CA LEU A 78 -2.39 16.01 -5.66
C LEU A 78 -1.85 17.40 -5.37
N ASP A 79 -1.64 17.67 -4.08
CA ASP A 79 -0.93 18.86 -3.59
C ASP A 79 -1.60 20.17 -4.01
N THR A 80 -2.92 20.14 -4.15
CA THR A 80 -3.69 21.26 -4.68
C THR A 80 -4.95 21.49 -3.83
N GLU A 81 -5.16 22.72 -3.39
CA GLU A 81 -6.37 23.07 -2.60
C GLU A 81 -7.61 22.98 -3.52
N CYS A 82 -8.56 22.12 -3.14
CA CYS A 82 -9.82 21.93 -3.89
C CYS A 82 -11.01 22.16 -2.96
N ILE A 83 -12.15 22.59 -3.51
CA ILE A 83 -13.39 22.74 -2.70
C ILE A 83 -14.39 21.63 -3.06
N VAL A 84 -14.83 20.87 -2.04
CA VAL A 84 -15.82 19.79 -2.23
C VAL A 84 -17.00 20.07 -1.28
N ASN A 85 -18.17 20.30 -1.87
CA ASN A 85 -19.41 20.57 -1.10
C ASN A 85 -19.18 21.61 0.00
N GLY A 86 -18.51 22.69 -0.40
CA GLY A 86 -18.23 23.80 0.47
C GLY A 86 -17.07 23.67 1.45
N VAL A 87 -16.29 22.60 1.36
CA VAL A 87 -15.18 22.31 2.30
C VAL A 87 -13.86 22.20 1.51
N LYS A 88 -12.84 22.92 1.97
CA LYS A 88 -11.49 22.82 1.40
C LYS A 88 -10.83 21.47 1.77
N VAL A 89 -10.35 20.76 0.75
CA VAL A 89 -9.59 19.51 0.91
C VAL A 89 -8.29 19.52 0.08
N VAL A 90 -7.31 18.73 0.54
CA VAL A 90 -6.06 18.48 -0.19
C VAL A 90 -5.75 16.96 -0.15
N LEU A 91 -5.35 16.41 -1.29
CA LEU A 91 -4.85 15.03 -1.37
C LEU A 91 -3.30 15.06 -1.38
N LEU A 92 -2.69 14.22 -0.55
CA LEU A 92 -1.24 14.10 -0.41
C LEU A 92 -0.79 12.67 -0.71
N ASP A 93 0.40 12.50 -1.28
CA ASP A 93 0.92 11.14 -1.53
C ASP A 93 1.09 10.37 -0.20
N ALA A 94 0.56 9.15 -0.14
CA ALA A 94 0.62 8.33 1.09
C ALA A 94 1.83 7.38 1.16
N ASN A 95 2.65 7.32 0.11
CA ASN A 95 3.76 6.34 0.03
C ASN A 95 3.29 4.91 0.40
N HIS A 96 2.15 4.51 -0.19
CA HIS A 96 1.57 3.18 -0.02
C HIS A 96 1.66 2.48 -1.42
N CYS A 97 0.55 2.20 -2.07
CA CYS A 97 0.48 1.62 -3.43
C CYS A 97 0.21 2.76 -4.43
N PRO A 98 0.30 2.47 -5.75
CA PRO A 98 0.03 3.54 -6.71
C PRO A 98 -1.39 4.14 -6.55
N GLY A 99 -1.46 5.47 -6.60
CA GLY A 99 -2.71 6.23 -6.43
C GLY A 99 -3.19 6.43 -5.00
N ALA A 100 -2.46 5.89 -4.01
CA ALA A 100 -2.88 6.01 -2.60
C ALA A 100 -2.59 7.40 -2.07
N VAL A 101 -3.58 7.97 -1.36
CA VAL A 101 -3.52 9.31 -0.79
C VAL A 101 -3.88 9.37 0.69
N MET A 102 -3.35 10.42 1.33
CA MET A 102 -3.84 10.95 2.60
C MET A 102 -4.75 12.15 2.26
N ILE A 103 -5.73 12.44 3.12
CA ILE A 103 -6.67 13.56 2.88
C ILE A 103 -6.62 14.55 4.03
N LEU A 104 -6.36 15.83 3.70
CA LEU A 104 -6.50 16.95 4.65
C LEU A 104 -7.87 17.60 4.48
N PHE A 105 -8.62 17.74 5.57
CA PHE A 105 -9.93 18.42 5.56
C PHE A 105 -9.83 19.68 6.42
N TYR A 106 -10.23 20.83 5.85
CA TYR A 106 -10.25 22.11 6.57
C TYR A 106 -11.71 22.42 6.92
N LEU A 107 -12.13 22.13 8.15
CA LEU A 107 -13.53 22.33 8.54
C LEU A 107 -13.87 23.84 8.62
N PRO A 108 -15.14 24.20 8.34
CA PRO A 108 -15.61 25.60 8.43
C PRO A 108 -15.32 26.30 9.77
N ASN A 109 -15.37 25.56 10.87
CA ASN A 109 -15.12 26.10 12.21
C ASN A 109 -13.61 26.26 12.58
N GLY A 110 -12.69 25.86 11.70
CA GLY A 110 -11.25 26.06 11.92
C GLY A 110 -10.50 24.79 12.30
N THR A 111 -11.22 23.72 12.56
CA THR A 111 -10.60 22.42 12.80
C THR A 111 -9.94 21.90 11.52
N VAL A 112 -8.79 21.28 11.68
CA VAL A 112 -8.06 20.64 10.59
C VAL A 112 -7.86 19.16 10.95
N ILE A 113 -8.27 18.29 10.02
CA ILE A 113 -8.23 16.83 10.16
C ILE A 113 -7.35 16.22 9.05
N LEU A 114 -6.43 15.35 9.44
CA LEU A 114 -5.68 14.51 8.49
C LEU A 114 -6.10 13.07 8.63
N HIS A 115 -6.51 12.48 7.51
CA HIS A 115 -6.80 11.05 7.42
C HIS A 115 -5.67 10.41 6.59
N THR A 116 -4.87 9.52 7.19
CA THR A 116 -3.70 8.99 6.49
C THR A 116 -4.03 7.92 5.44
N GLY A 117 -5.27 7.42 5.42
CA GLY A 117 -5.59 6.21 4.66
C GLY A 117 -4.64 5.11 5.13
N ASP A 118 -4.19 4.27 4.20
CA ASP A 118 -3.01 3.41 4.45
C ASP A 118 -1.74 4.20 4.00
N PHE A 119 -0.68 4.18 4.83
CA PHE A 119 0.54 4.97 4.50
C PHE A 119 1.82 4.32 5.06
N ARG A 120 2.95 4.64 4.43
CA ARG A 120 4.26 4.39 5.00
C ARG A 120 4.94 5.74 5.29
N ALA A 121 4.90 6.15 6.56
CA ALA A 121 5.44 7.43 6.99
C ALA A 121 6.87 7.60 6.52
N ASP A 122 7.20 8.82 6.06
CA ASP A 122 8.55 9.14 5.58
C ASP A 122 8.90 10.59 5.95
N PRO A 123 10.18 10.88 6.23
CA PRO A 123 10.52 12.29 6.53
C PRO A 123 10.19 13.29 5.41
N SER A 124 10.14 12.84 4.14
CA SER A 124 9.70 13.67 3.02
C SER A 124 8.32 14.31 3.21
N MET A 125 7.46 13.64 3.96
CA MET A 125 6.14 14.20 4.32
C MET A 125 6.19 15.46 5.21
N GLU A 126 7.31 15.66 5.91
CA GLU A 126 7.51 16.80 6.81
C GLU A 126 7.72 18.10 6.00
N ARG A 127 7.88 17.98 4.67
CA ARG A 127 7.95 19.14 3.76
C ARG A 127 6.88 19.20 2.67
N SER A 128 5.75 18.54 2.90
CA SER A 128 4.56 18.71 2.08
C SER A 128 3.74 19.93 2.58
N LEU A 129 2.53 20.13 2.06
CA LEU A 129 1.57 21.10 2.64
C LEU A 129 1.20 20.86 4.11
N LEU A 130 1.54 19.69 4.69
CA LEU A 130 1.41 19.48 6.14
C LEU A 130 2.22 20.43 6.99
N ALA A 131 3.35 20.90 6.48
CA ALA A 131 4.19 21.82 7.22
C ALA A 131 3.48 23.16 7.52
N ASP A 132 2.48 23.52 6.73
CA ASP A 132 1.86 24.86 6.73
C ASP A 132 0.88 25.22 7.84
N GLN A 133 0.30 24.22 8.50
CA GLN A 133 -0.66 24.49 9.57
C GLN A 133 -0.79 23.37 10.59
N LYS A 134 -1.40 23.75 11.70
CA LYS A 134 -1.71 22.86 12.80
C LYS A 134 -2.80 21.83 12.39
N VAL A 135 -2.59 20.57 12.79
CA VAL A 135 -3.57 19.49 12.64
C VAL A 135 -4.15 19.11 14.00
N HIS A 136 -5.48 19.18 14.14
CA HIS A 136 -6.14 18.91 15.42
C HIS A 136 -6.44 17.44 15.62
N MET A 137 -6.90 16.75 14.57
CA MET A 137 -7.27 15.33 14.67
C MET A 137 -6.58 14.52 13.57
N LEU A 138 -6.03 13.36 13.96
CA LEU A 138 -5.29 12.45 13.06
C LEU A 138 -5.96 11.07 13.06
N TYR A 139 -6.45 10.64 11.89
CA TYR A 139 -7.01 9.31 11.71
C TYR A 139 -5.88 8.47 11.13
N LEU A 140 -5.31 7.62 11.98
CA LEU A 140 -3.98 7.02 11.75
C LEU A 140 -3.98 5.55 11.38
N ASP A 141 -3.29 5.20 10.28
CA ASP A 141 -3.00 3.79 9.94
C ASP A 141 -2.01 3.21 10.95
N THR A 142 -2.57 2.44 11.89
CA THR A 142 -1.84 1.80 13.01
C THR A 142 -1.52 0.30 12.77
N THR A 143 -1.44 -0.12 11.51
CA THR A 143 -1.21 -1.54 11.15
C THR A 143 -0.11 -2.19 12.00
N TYR A 144 1.05 -1.53 12.06
CA TYR A 144 2.23 -2.05 12.78
C TYR A 144 2.62 -1.22 14.02
N CYS A 145 1.61 -0.80 14.80
CA CYS A 145 1.84 0.01 16.01
C CYS A 145 2.26 -0.83 17.22
N SER A 146 3.47 -1.39 17.14
CA SER A 146 4.10 -2.12 18.26
C SER A 146 5.60 -2.23 17.97
N PRO A 147 6.46 -2.06 18.99
CA PRO A 147 7.91 -1.96 18.74
C PRO A 147 8.58 -3.19 18.13
N GLU A 148 7.95 -4.37 18.21
CA GLU A 148 8.51 -5.55 17.52
C GLU A 148 8.52 -5.45 15.98
N TYR A 149 7.71 -4.54 15.42
CA TYR A 149 7.61 -4.36 13.99
C TYR A 149 8.70 -3.42 13.47
N THR A 150 9.85 -4.04 13.14
CA THR A 150 10.96 -3.40 12.48
C THR A 150 11.06 -4.06 11.10
N PHE A 151 11.39 -3.27 10.08
CA PHE A 151 11.81 -3.87 8.82
C PHE A 151 12.76 -2.90 8.08
N PRO A 152 13.50 -3.42 7.09
CA PRO A 152 14.46 -2.57 6.38
C PRO A 152 13.77 -1.54 5.48
N SER A 153 14.56 -0.61 4.93
CA SER A 153 14.05 0.27 3.90
C SER A 153 13.67 -0.55 2.67
N GLN A 154 12.76 0.01 1.88
CA GLN A 154 12.40 -0.58 0.58
C GLN A 154 13.65 -0.68 -0.32
N GLN A 155 14.53 0.33 -0.27
CA GLN A 155 15.76 0.34 -1.09
C GLN A 155 16.64 -0.87 -0.76
N GLU A 156 16.84 -1.19 0.54
CA GLU A 156 17.66 -2.35 0.94
C GLU A 156 17.06 -3.67 0.47
N VAL A 157 15.74 -3.78 0.58
CA VAL A 157 15.02 -4.99 0.17
C VAL A 157 15.15 -5.21 -1.35
N ILE A 158 15.02 -4.14 -2.14
CA ILE A 158 15.16 -4.22 -3.61
C ILE A 158 16.61 -4.57 -4.02
N ARG A 159 17.59 -3.99 -3.35
CA ARG A 159 19.00 -4.38 -3.59
C ARG A 159 19.22 -5.89 -3.39
N PHE A 160 18.67 -6.41 -2.30
CA PHE A 160 18.77 -7.87 -2.04
C PHE A 160 18.11 -8.68 -3.18
N ALA A 161 16.92 -8.29 -3.59
CA ALA A 161 16.18 -9.03 -4.63
C ALA A 161 16.91 -9.00 -5.99
N ILE A 162 17.37 -7.81 -6.40
CA ILE A 162 18.13 -7.63 -7.68
C ILE A 162 19.39 -8.48 -7.67
N ASN A 163 20.14 -8.41 -6.56
CA ASN A 163 21.44 -9.12 -6.49
C ASN A 163 21.23 -10.64 -6.51
N THR A 164 20.25 -11.13 -5.77
CA THR A 164 19.88 -12.55 -5.72
C THR A 164 19.44 -13.09 -7.09
N ALA A 165 18.57 -12.35 -7.76
CA ALA A 165 18.05 -12.75 -9.06
C ALA A 165 19.15 -12.73 -10.13
N PHE A 166 19.94 -11.66 -10.14
CA PHE A 166 21.02 -11.55 -11.13
C PHE A 166 22.05 -12.68 -10.96
N GLU A 167 22.43 -12.97 -9.72
CA GLU A 167 23.37 -14.08 -9.43
C GLU A 167 22.81 -15.40 -9.94
N ALA A 168 21.56 -15.69 -9.59
CA ALA A 168 20.94 -16.99 -9.95
C ALA A 168 20.86 -17.23 -11.47
N VAL A 169 20.44 -16.21 -12.22
CA VAL A 169 20.26 -16.34 -13.67
C VAL A 169 21.58 -16.28 -14.44
N THR A 170 22.57 -15.56 -13.91
CA THR A 170 23.92 -15.56 -14.52
C THR A 170 24.58 -16.94 -14.33
N LEU A 171 24.39 -17.55 -13.16
CA LEU A 171 24.88 -18.93 -12.92
C LEU A 171 24.15 -19.97 -13.78
N ASN A 172 22.81 -19.85 -13.87
CA ASN A 172 21.96 -20.72 -14.69
C ASN A 172 21.05 -19.92 -15.62
N PRO A 173 21.48 -19.69 -16.89
CA PRO A 173 20.61 -18.97 -17.85
C PRO A 173 19.23 -19.62 -18.15
N HIS A 174 19.06 -20.87 -17.77
CA HIS A 174 17.76 -21.56 -17.88
C HIS A 174 16.90 -21.52 -16.60
N ALA A 175 17.25 -20.66 -15.64
CA ALA A 175 16.38 -20.43 -14.47
C ALA A 175 15.30 -19.38 -14.81
N LEU A 176 14.09 -19.63 -14.33
CA LEU A 176 12.94 -18.68 -14.39
C LEU A 176 12.78 -17.99 -13.05
N VAL A 177 12.53 -16.68 -13.06
CA VAL A 177 12.15 -15.94 -11.85
C VAL A 177 10.64 -15.74 -11.83
N VAL A 178 10.04 -16.00 -10.67
CA VAL A 178 8.59 -15.81 -10.45
C VAL A 178 8.37 -14.86 -9.25
N CYS A 179 7.46 -13.90 -9.40
N CYS A 179 7.49 -13.87 -9.40
CA CYS A 179 7.05 -13.02 -8.30
CA CYS A 179 7.07 -13.00 -8.28
C CYS A 179 5.55 -13.14 -8.06
C CYS A 179 5.57 -13.21 -8.05
N GLY A 180 5.17 -13.27 -6.79
CA GLY A 180 3.74 -13.31 -6.41
C GLY A 180 3.10 -11.94 -6.28
N THR A 181 1.81 -11.86 -6.60
CA THR A 181 1.00 -10.63 -6.42
C THR A 181 -0.48 -10.99 -6.19
N TYR A 182 -1.19 -10.19 -5.40
CA TYR A 182 -2.68 -10.32 -5.27
C TYR A 182 -3.45 -9.01 -5.20
N SER A 183 -2.76 -7.91 -5.41
CA SER A 183 -3.33 -6.58 -5.41
C SER A 183 -2.27 -5.63 -6.00
N ILE A 184 -2.68 -4.40 -6.28
CA ILE A 184 -1.72 -3.38 -6.66
C ILE A 184 -0.81 -3.07 -5.45
N GLY A 185 0.33 -2.46 -5.73
CA GLY A 185 1.41 -2.26 -4.74
C GLY A 185 2.61 -3.17 -5.00
N LYS A 186 3.79 -2.71 -4.56
CA LYS A 186 5.03 -3.51 -4.54
C LYS A 186 5.53 -3.84 -5.96
N GLU A 187 5.12 -3.02 -6.93
CA GLU A 187 5.51 -3.18 -8.34
C GLU A 187 7.03 -3.11 -8.52
N LYS A 188 7.72 -2.31 -7.69
CA LYS A 188 9.18 -2.18 -7.77
C LYS A 188 9.89 -3.53 -7.69
N VAL A 189 9.34 -4.49 -6.94
CA VAL A 189 9.99 -5.80 -6.79
C VAL A 189 10.18 -6.46 -8.16
N PHE A 190 9.09 -6.64 -8.90
CA PHE A 190 9.19 -7.32 -10.20
C PHE A 190 9.79 -6.45 -11.30
N LEU A 191 9.52 -5.14 -11.27
CA LEU A 191 10.10 -4.22 -12.27
C LEU A 191 11.65 -4.10 -12.15
N ALA A 192 12.16 -4.02 -10.93
CA ALA A 192 13.61 -3.92 -10.69
C ALA A 192 14.37 -5.18 -11.10
N ILE A 193 13.77 -6.34 -10.82
CA ILE A 193 14.38 -7.62 -11.22
C ILE A 193 14.41 -7.76 -12.76
N ALA A 194 13.27 -7.46 -13.41
CA ALA A 194 13.23 -7.54 -14.89
C ALA A 194 14.27 -6.61 -15.55
N ASP A 195 14.38 -5.40 -15.01
CA ASP A 195 15.35 -4.41 -15.47
C ASP A 195 16.80 -4.92 -15.37
N VAL A 196 17.19 -5.56 -14.26
CA VAL A 196 18.58 -6.06 -14.15
C VAL A 196 18.86 -7.27 -15.07
N LEU A 197 17.81 -8.02 -15.40
CA LEU A 197 17.95 -9.19 -16.28
C LEU A 197 17.73 -8.90 -17.79
N GLY A 198 17.35 -7.67 -18.14
CA GLY A 198 17.10 -7.32 -19.54
C GLY A 198 15.86 -7.99 -20.13
N SER A 199 14.83 -8.15 -19.30
CA SER A 199 13.59 -8.84 -19.68
C SER A 199 12.39 -7.95 -19.39
N LYS A 200 11.27 -8.21 -20.09
CA LYS A 200 9.97 -7.69 -19.65
C LYS A 200 9.35 -8.65 -18.63
N VAL A 201 8.38 -8.17 -17.87
CA VAL A 201 7.64 -9.03 -16.93
C VAL A 201 6.37 -9.55 -17.61
N GLY A 202 6.23 -10.89 -17.66
CA GLY A 202 5.07 -11.53 -18.26
C GLY A 202 3.98 -11.80 -17.24
N MET A 203 2.73 -11.62 -17.65
CA MET A 203 1.60 -11.71 -16.74
C MET A 203 0.29 -11.98 -17.48
N SER A 204 -0.75 -12.32 -16.73
CA SER A 204 -2.10 -12.52 -17.29
C SER A 204 -2.63 -11.22 -17.93
N GLN A 205 -3.60 -11.38 -18.82
CA GLN A 205 -4.26 -10.22 -19.42
C GLN A 205 -4.91 -9.29 -18.38
N GLU A 206 -5.52 -9.87 -17.35
CA GLU A 206 -6.20 -9.11 -16.28
C GLU A 206 -5.21 -8.28 -15.48
N LYS A 207 -4.07 -8.86 -15.12
CA LYS A 207 -3.02 -8.11 -14.42
C LYS A 207 -2.38 -7.01 -15.28
N TYR A 208 -2.13 -7.29 -16.57
CA TYR A 208 -1.62 -6.29 -17.50
C TYR A 208 -2.57 -5.08 -17.58
N LYS A 209 -3.89 -5.35 -17.65
CA LYS A 209 -4.94 -4.30 -17.66
C LYS A 209 -4.81 -3.40 -16.43
N THR A 210 -4.72 -4.02 -15.27
CA THR A 210 -4.57 -3.31 -13.99
C THR A 210 -3.35 -2.39 -14.02
N LEU A 211 -2.20 -2.91 -14.45
CA LEU A 211 -0.98 -2.08 -14.52
C LEU A 211 -1.06 -0.94 -15.54
N GLN A 212 -1.76 -1.15 -16.66
CA GLN A 212 -1.98 -0.07 -17.62
C GLN A 212 -2.79 1.13 -17.06
N CYS A 213 -3.56 0.92 -15.99
CA CYS A 213 -4.29 2.03 -15.33
C CYS A 213 -3.44 2.95 -14.43
N LEU A 214 -2.18 2.60 -14.15
CA LEU A 214 -1.36 3.26 -13.10
C LEU A 214 -0.44 4.45 -13.43
N ASN A 215 -0.47 4.96 -14.66
CA ASN A 215 0.46 6.04 -15.09
C ASN A 215 1.95 5.81 -14.74
N ILE A 216 2.44 4.59 -14.86
CA ILE A 216 3.86 4.33 -14.59
C ILE A 216 4.60 4.73 -15.88
N PRO A 217 5.63 5.60 -15.77
CA PRO A 217 6.43 5.98 -16.94
C PRO A 217 7.03 4.79 -17.68
N GLU A 218 6.84 4.75 -18.99
CA GLU A 218 7.42 3.74 -19.88
C GLU A 218 6.94 2.32 -19.59
N ILE A 219 5.73 2.16 -19.06
CA ILE A 219 5.21 0.84 -18.69
C ILE A 219 5.14 -0.11 -19.91
N ASN A 220 4.71 0.37 -21.07
CA ASN A 220 4.72 -0.48 -22.28
C ASN A 220 6.10 -1.10 -22.57
N SER A 221 7.17 -0.40 -22.15
CA SER A 221 8.54 -0.93 -22.23
C SER A 221 8.90 -2.03 -21.21
N LEU A 222 8.13 -2.21 -20.13
CA LEU A 222 8.52 -3.14 -19.03
C LEU A 222 7.63 -4.38 -18.80
N ILE A 223 6.40 -4.38 -19.31
CA ILE A 223 5.44 -5.46 -19.09
C ILE A 223 4.88 -6.03 -20.40
N THR A 224 4.37 -7.25 -20.33
CA THR A 224 3.86 -7.94 -21.51
C THR A 224 2.93 -9.08 -21.12
N THR A 225 2.07 -9.46 -22.05
CA THR A 225 1.26 -10.69 -21.90
C THR A 225 1.89 -11.88 -22.61
N ASP A 226 3.03 -11.68 -23.25
CA ASP A 226 3.72 -12.77 -23.96
C ASP A 226 4.65 -13.47 -22.98
N MET A 227 4.15 -14.54 -22.39
CA MET A 227 4.89 -15.26 -21.35
C MET A 227 6.17 -15.89 -21.94
N CYS A 228 6.05 -16.39 -23.18
CA CYS A 228 7.18 -17.05 -23.87
C CYS A 228 8.41 -16.17 -24.06
N SER A 229 8.21 -14.85 -24.19
CA SER A 229 9.32 -13.92 -24.40
C SER A 229 9.97 -13.41 -23.11
N SER A 230 9.42 -13.78 -21.95
CA SER A 230 9.80 -13.20 -20.66
C SER A 230 10.46 -14.23 -19.74
N LEU A 231 11.51 -13.84 -19.01
CA LEU A 231 12.08 -14.72 -17.95
C LEU A 231 11.80 -14.23 -16.51
N VAL A 232 10.86 -13.29 -16.37
CA VAL A 232 10.29 -12.91 -15.08
C VAL A 232 8.78 -13.00 -15.24
N HIS A 233 8.15 -13.92 -14.50
CA HIS A 233 6.68 -14.14 -14.59
C HIS A 233 5.97 -13.72 -13.31
N LEU A 234 4.78 -13.12 -13.44
CA LEU A 234 3.95 -12.83 -12.26
C LEU A 234 2.85 -13.84 -12.17
N LEU A 235 2.65 -14.36 -10.96
CA LEU A 235 1.55 -15.30 -10.66
C LEU A 235 0.79 -14.83 -9.42
N PRO A 236 -0.47 -15.29 -9.25
CA PRO A 236 -1.20 -15.06 -8.00
C PRO A 236 -0.42 -15.53 -6.78
N MET A 237 -0.49 -14.77 -5.70
CA MET A 237 0.24 -15.09 -4.46
C MET A 237 -0.04 -16.53 -3.99
N MET A 238 -1.29 -16.98 -4.12
CA MET A 238 -1.71 -18.34 -3.75
C MET A 238 -0.96 -19.49 -4.43
N GLN A 239 -0.41 -19.22 -5.61
CA GLN A 239 0.37 -20.20 -6.37
C GLN A 239 1.88 -20.24 -5.99
N ILE A 240 2.33 -19.34 -5.11
CA ILE A 240 3.76 -19.31 -4.71
C ILE A 240 3.99 -20.31 -3.57
N ASN A 241 4.04 -21.58 -3.98
CA ASN A 241 4.31 -22.73 -3.12
C ASN A 241 4.88 -23.83 -4.01
N PHE A 242 5.42 -24.88 -3.42
CA PHE A 242 6.13 -25.89 -4.21
C PHE A 242 5.24 -26.60 -5.26
N LYS A 243 4.01 -26.93 -4.89
CA LYS A 243 3.06 -27.57 -5.82
C LYS A 243 2.71 -26.66 -6.99
N GLY A 244 2.39 -25.40 -6.69
CA GLY A 244 1.98 -24.45 -7.72
C GLY A 244 3.10 -24.05 -8.67
N LEU A 245 4.31 -23.99 -8.15
CA LEU A 245 5.48 -23.61 -8.95
C LEU A 245 5.97 -24.80 -9.80
N GLN A 246 5.95 -26.01 -9.23
CA GLN A 246 6.16 -27.25 -10.02
C GLN A 246 5.23 -27.32 -11.23
N SER A 247 3.96 -26.99 -11.00
CA SER A 247 2.94 -27.00 -12.06
C SER A 247 3.24 -25.97 -13.14
N HIS A 248 3.59 -24.76 -12.73
CA HIS A 248 3.94 -23.72 -13.66
C HIS A 248 5.14 -24.10 -14.53
N LEU A 249 6.15 -24.71 -13.92
CA LEU A 249 7.37 -25.10 -14.63
C LEU A 249 7.08 -26.11 -15.75
N LYS A 250 6.16 -27.04 -15.49
CA LYS A 250 5.70 -28.00 -16.51
C LYS A 250 5.12 -27.28 -17.74
N LYS A 251 4.34 -26.22 -17.49
CA LYS A 251 3.69 -25.45 -18.57
C LYS A 251 4.64 -24.66 -19.46
N CYS A 252 5.86 -24.40 -18.98
CA CYS A 252 6.87 -23.71 -19.77
C CYS A 252 7.60 -24.61 -20.80
N GLY A 253 7.28 -25.91 -20.80
CA GLY A 253 7.61 -26.79 -21.92
C GLY A 253 9.09 -27.05 -22.14
N GLY A 254 9.85 -27.14 -21.06
CA GLY A 254 11.28 -27.40 -21.14
C GLY A 254 12.15 -26.22 -21.51
N LYS A 255 11.61 -25.01 -21.47
CA LYS A 255 12.40 -23.79 -21.63
C LYS A 255 13.28 -23.54 -20.38
N TYR A 256 12.77 -23.95 -19.21
CA TYR A 256 13.46 -23.73 -17.93
C TYR A 256 13.59 -25.01 -17.13
N ASN A 257 14.62 -25.06 -16.27
CA ASN A 257 14.90 -26.21 -15.40
C ASN A 257 15.06 -25.87 -13.91
N GLN A 258 14.73 -24.63 -13.54
CA GLN A 258 14.86 -24.11 -12.17
C GLN A 258 13.91 -22.93 -12.01
N ILE A 259 13.31 -22.78 -10.82
CA ILE A 259 12.54 -21.56 -10.43
C ILE A 259 13.15 -20.93 -9.17
N LEU A 260 13.36 -19.61 -9.25
CA LEU A 260 13.62 -18.77 -8.10
C LEU A 260 12.38 -17.88 -7.94
N ALA A 261 11.70 -17.98 -6.79
CA ALA A 261 10.47 -17.23 -6.56
C ALA A 261 10.54 -16.30 -5.36
N PHE A 262 9.81 -15.18 -5.47
CA PHE A 262 9.74 -14.19 -4.40
C PHE A 262 8.29 -13.97 -3.93
N ARG A 263 8.10 -13.99 -2.60
CA ARG A 263 6.85 -13.57 -1.91
C ARG A 263 7.13 -12.30 -1.10
N PRO A 264 6.64 -11.12 -1.54
CA PRO A 264 7.01 -9.83 -0.90
C PRO A 264 6.19 -9.41 0.33
N THR A 265 5.92 -10.35 1.22
CA THR A 265 5.13 -10.16 2.47
C THR A 265 5.40 -8.85 3.24
N GLY A 266 4.42 -8.42 4.05
CA GLY A 266 4.57 -7.23 4.90
C GLY A 266 5.66 -7.38 5.95
N TRP A 267 5.32 -8.06 7.06
CA TRP A 267 6.23 -8.41 8.15
C TRP A 267 6.18 -9.91 8.41
N THR A 268 7.35 -10.49 8.72
CA THR A 268 7.47 -11.89 9.12
C THR A 268 8.52 -12.00 10.24
N HIS A 269 8.05 -12.31 11.46
CA HIS A 269 8.84 -12.55 12.70
C HIS A 269 10.37 -12.80 12.61
N SER A 270 10.81 -13.54 11.59
CA SER A 270 12.24 -13.68 11.28
C SER A 270 13.03 -12.35 11.15
N ASN A 271 12.33 -11.23 10.90
CA ASN A 271 12.91 -9.87 11.02
C ASN A 271 13.45 -9.55 12.41
N LYS A 272 12.74 -10.01 13.44
CA LYS A 272 13.17 -9.84 14.84
C LYS A 272 14.52 -10.48 15.17
N PHE A 273 14.83 -11.60 14.50
CA PHE A 273 16.05 -12.37 14.76
C PHE A 273 17.21 -12.06 13.81
N THR A 274 16.93 -11.66 12.57
CA THR A 274 17.97 -11.60 11.53
C THR A 274 17.90 -10.34 10.65
N ARG A 275 19.00 -10.09 9.93
CA ARG A 275 19.13 -8.99 8.97
C ARG A 275 18.75 -9.42 7.54
N ILE A 276 18.52 -8.44 6.67
CA ILE A 276 18.14 -8.68 5.27
C ILE A 276 19.23 -9.46 4.54
N ALA A 277 20.48 -9.10 4.77
CA ALA A 277 21.64 -9.81 4.21
C ALA A 277 21.66 -11.32 4.57
N ASP A 278 21.10 -11.65 5.73
CA ASP A 278 21.05 -13.04 6.24
C ASP A 278 19.84 -13.89 5.77
N VAL A 279 18.91 -13.32 4.99
CA VAL A 279 17.70 -14.04 4.54
C VAL A 279 18.04 -15.22 3.62
N ILE A 280 17.42 -16.38 3.87
CA ILE A 280 17.64 -17.61 3.11
C ILE A 280 16.30 -18.14 2.60
N PRO A 281 16.31 -18.90 1.49
CA PRO A 281 15.04 -19.42 0.97
C PRO A 281 14.65 -20.74 1.56
N GLN A 282 13.40 -21.13 1.30
CA GLN A 282 12.93 -22.52 1.44
C GLN A 282 13.16 -23.19 0.09
N THR A 283 13.80 -24.36 0.10
CA THR A 283 14.18 -25.05 -1.14
C THR A 283 13.67 -26.50 -1.17
N LYS A 284 13.12 -26.92 -2.31
CA LYS A 284 12.78 -28.33 -2.55
C LYS A 284 13.15 -28.63 -4.00
N GLY A 285 14.09 -29.56 -4.20
CA GLY A 285 14.55 -29.88 -5.55
C GLY A 285 15.07 -28.65 -6.28
N ASN A 286 14.50 -28.37 -7.46
CA ASN A 286 14.94 -27.24 -8.32
C ASN A 286 14.10 -25.95 -8.14
N ILE A 287 13.44 -25.81 -6.99
CA ILE A 287 12.61 -24.64 -6.66
C ILE A 287 13.06 -24.04 -5.34
N SER A 288 13.32 -22.72 -5.34
CA SER A 288 13.59 -21.95 -4.13
C SER A 288 12.62 -20.79 -3.99
N ILE A 289 12.12 -20.57 -2.77
CA ILE A 289 11.17 -19.48 -2.43
C ILE A 289 11.73 -18.56 -1.34
N TYR A 290 11.88 -17.27 -1.68
CA TYR A 290 12.29 -16.23 -0.74
C TYR A 290 11.10 -15.42 -0.27
N GLY A 291 10.94 -15.30 1.04
CA GLY A 291 10.02 -14.33 1.64
C GLY A 291 10.80 -13.07 1.98
N ILE A 292 10.44 -11.94 1.35
CA ILE A 292 11.20 -10.69 1.54
C ILE A 292 10.29 -9.63 2.19
N PRO A 293 10.83 -8.89 3.18
CA PRO A 293 9.99 -8.01 4.01
C PRO A 293 9.80 -6.63 3.38
N TYR A 294 9.13 -6.60 2.23
CA TYR A 294 8.85 -5.38 1.50
C TYR A 294 7.52 -4.80 2.02
N SER A 295 7.60 -3.75 2.85
CA SER A 295 6.39 -3.14 3.44
C SER A 295 5.96 -1.85 2.77
N GLU A 296 4.65 -1.73 2.58
CA GLU A 296 4.02 -0.45 2.23
C GLU A 296 3.22 0.20 3.39
N HIS A 297 3.50 -0.23 4.63
CA HIS A 297 2.99 0.43 5.84
C HIS A 297 4.17 0.87 6.72
N SER A 298 3.93 1.89 7.55
CA SER A 298 4.93 2.40 8.49
C SER A 298 5.45 1.31 9.42
N SER A 299 6.77 1.24 9.62
CA SER A 299 7.28 0.57 10.81
C SER A 299 6.84 1.33 12.08
N TYR A 300 7.00 0.70 13.24
CA TYR A 300 6.72 1.38 14.51
C TYR A 300 7.51 2.70 14.66
N LEU A 301 8.82 2.65 14.40
CA LEU A 301 9.67 3.86 14.52
C LEU A 301 9.31 4.97 13.52
N GLU A 302 8.99 4.59 12.28
CA GLU A 302 8.54 5.56 11.25
C GLU A 302 7.23 6.25 11.68
N MET A 303 6.29 5.46 12.20
CA MET A 303 4.98 5.96 12.68
C MET A 303 5.17 6.93 13.87
N LYS A 304 5.96 6.50 14.85
CA LYS A 304 6.31 7.33 16.01
C LYS A 304 6.91 8.68 15.61
N ARG A 305 7.90 8.67 14.69
CA ARG A 305 8.54 9.93 14.25
C ARG A 305 7.52 10.88 13.61
N PHE A 306 6.70 10.35 12.70
CA PHE A 306 5.66 11.15 12.04
C PHE A 306 4.71 11.81 13.04
N VAL A 307 4.19 11.05 14.00
CA VAL A 307 3.23 11.57 14.99
C VAL A 307 3.90 12.60 15.91
N GLN A 308 5.15 12.34 16.33
CA GLN A 308 5.89 13.28 17.21
C GLN A 308 6.24 14.58 16.48
N TRP A 309 6.39 14.52 15.14
CA TRP A 309 6.61 15.72 14.32
C TRP A 309 5.29 16.51 14.17
N LEU A 310 4.21 15.80 13.84
CA LEU A 310 2.91 16.43 13.57
C LEU A 310 2.24 17.05 14.81
N LYS A 311 2.43 16.41 15.98
CA LYS A 311 1.85 16.87 17.26
C LYS A 311 0.32 17.10 17.25
N PRO A 312 -0.46 16.08 16.82
CA PRO A 312 -1.93 16.23 16.81
C PRO A 312 -2.52 16.31 18.21
N GLN A 313 -3.65 17.01 18.35
CA GLN A 313 -4.36 17.04 19.64
C GLN A 313 -5.06 15.73 19.98
N LYS A 314 -5.61 15.05 18.97
CA LYS A 314 -6.31 13.77 19.17
C LYS A 314 -5.92 12.78 18.06
N ILE A 315 -5.71 11.51 18.45
CA ILE A 315 -5.43 10.41 17.51
C ILE A 315 -6.56 9.41 17.53
N ILE A 316 -7.01 9.02 16.34
CA ILE A 316 -8.05 8.02 16.14
C ILE A 316 -7.45 6.90 15.29
N PRO A 317 -7.15 5.74 15.90
CA PRO A 317 -6.63 4.61 15.12
C PRO A 317 -7.67 4.05 14.15
N THR A 318 -7.22 3.58 12.99
CA THR A 318 -8.12 2.98 11.96
C THR A 318 -7.85 1.48 11.69
N VAL A 319 -6.83 0.91 12.35
CA VAL A 319 -6.44 -0.48 12.20
C VAL A 319 -6.16 -1.09 13.58
N ASN A 320 -6.48 -2.37 13.72
CA ASN A 320 -6.37 -3.11 14.99
C ASN A 320 -7.33 -2.57 16.06
N VAL A 321 -8.49 -2.06 15.63
CA VAL A 321 -9.45 -1.46 16.56
C VAL A 321 -10.45 -2.47 17.16
N GLY A 322 -10.38 -3.73 16.73
CA GLY A 322 -11.42 -4.71 17.08
C GLY A 322 -11.26 -5.42 18.41
N THR A 323 -10.10 -5.32 19.07
CA THR A 323 -9.92 -5.95 20.39
C THR A 323 -9.55 -4.94 21.47
N TRP A 324 -10.00 -5.17 22.71
CA TRP A 324 -9.66 -4.27 23.82
C TRP A 324 -8.14 -4.27 24.11
N LYS A 325 -7.50 -5.45 24.04
CA LYS A 325 -6.04 -5.52 24.23
C LYS A 325 -5.26 -4.67 23.22
N SER A 326 -5.66 -4.73 21.95
CA SER A 326 -5.00 -3.91 20.89
C SER A 326 -5.23 -2.42 21.09
N ARG A 327 -6.49 -2.05 21.36
CA ARG A 327 -6.82 -0.65 21.61
C ARG A 327 -6.02 -0.10 22.82
N SER A 328 -5.98 -0.85 23.93
CA SER A 328 -5.24 -0.45 25.14
C SER A 328 -3.73 -0.29 24.90
N THR A 329 -3.15 -1.25 24.18
CA THR A 329 -1.74 -1.20 23.78
C THR A 329 -1.40 0.06 22.95
N MET A 330 -2.20 0.34 21.91
CA MET A 330 -1.95 1.52 21.09
C MET A 330 -2.06 2.84 21.88
N GLU A 331 -3.07 2.95 22.73
N GLU A 331 -3.08 2.95 22.72
CA GLU A 331 -3.25 4.13 23.58
CA GLU A 331 -3.26 4.14 23.58
C GLU A 331 -2.09 4.36 24.54
C GLU A 331 -2.06 4.36 24.51
N LYS A 332 -1.51 3.28 25.07
CA LYS A 332 -0.30 3.38 25.92
C LYS A 332 0.89 3.93 25.13
N TYR A 333 1.07 3.48 23.88
CA TYR A 333 2.16 4.05 23.06
C TYR A 333 1.92 5.51 22.71
N PHE A 334 0.68 5.86 22.37
CA PHE A 334 0.39 7.27 22.06
C PHE A 334 0.76 8.20 23.25
N ARG A 335 0.41 7.78 24.47
CA ARG A 335 0.75 8.55 25.69
C ARG A 335 2.26 8.65 25.88
N GLU A 336 2.98 7.55 25.69
N GLU A 336 2.98 7.55 25.68
CA GLU A 336 4.45 7.58 25.74
CA GLU A 336 4.44 7.56 25.75
C GLU A 336 5.01 8.62 24.77
C GLU A 336 5.06 8.57 24.75
N TRP A 337 4.53 8.59 23.52
CA TRP A 337 5.03 9.51 22.49
C TRP A 337 4.80 10.98 22.85
N LYS A 338 3.62 11.25 23.43
CA LYS A 338 3.23 12.59 23.85
C LYS A 338 4.13 13.10 25.00
N LEU A 339 4.39 12.23 25.98
N LEU A 339 4.32 12.27 26.02
CA LEU A 339 5.25 12.56 27.14
CA LEU A 339 5.14 12.63 27.20
C LEU A 339 6.73 12.81 26.77
C LEU A 339 6.62 12.82 26.82
N GLU A 340 7.27 12.00 25.86
N GLU A 340 7.14 11.93 25.98
CA GLU A 340 8.66 12.18 25.40
CA GLU A 340 8.53 12.03 25.51
C GLU A 340 8.82 13.52 24.70
C GLU A 340 8.74 13.29 24.66
N ALA A 341 8.00 13.73 23.68
N ALA A 341 7.70 13.73 23.94
CA ALA A 341 8.14 14.89 22.79
CA ALA A 341 7.71 15.00 23.20
C ALA A 341 7.77 16.22 23.48
C ALA A 341 7.51 16.24 24.07
N GLY A 342 6.83 16.17 24.42
N GLY A 342 7.21 16.04 25.37
CA GLY A 342 6.48 17.33 25.24
CA GLY A 342 7.30 17.08 26.37
C GLY A 342 5.20 18.07 24.84
C GLY A 342 6.09 18.00 26.46
N TYR A 343 4.41 17.49 23.93
N TYR A 343 4.90 17.46 26.25
CA TYR A 343 3.14 18.09 23.53
CA TYR A 343 3.68 18.29 26.28
C TYR A 343 1.99 17.51 24.34
C TYR A 343 3.24 18.63 27.72
C1 MLI B . -4.18 -4.18 2.43
C2 MLI B . -2.90 -3.53 2.91
C3 MLI B . -5.41 -3.31 2.66
O6 MLI B . -2.11 -4.13 3.65
O7 MLI B . -2.66 -2.37 2.55
O8 MLI B . -6.38 -3.85 3.22
O9 MLI B . -5.42 -2.12 2.25
NI NI C . -3.92 -0.86 1.63
N1 B1J D . -1.48 12.35 21.41
N3 B1J D . -1.49 11.22 22.14
C4 B1J D . 1.10 14.82 20.44
C5 B1J D . -0.12 14.26 20.80
C6 B1J D . -0.22 12.91 20.99
C7 B1J D . -2.73 12.87 21.31
C8 B1J D . -3.53 11.97 21.94
C1 B1J D . 0.90 12.09 20.88
C2 B1J D . 2.11 12.65 20.52
C3 B1J D . 2.19 14.01 20.31
N2 B1J D . -2.75 10.97 22.43
C9 B1J D . -5.01 11.97 22.17
O1 B1J D . -5.70 11.10 21.29
CL1 B1J D . 3.72 14.72 19.88
#